data_1MX6
#
_entry.id   1MX6
#
_cell.length_a   55.005
_cell.length_b   150.843
_cell.length_c   40.574
_cell.angle_alpha   90.00
_cell.angle_beta   90.00
_cell.angle_gamma   90.00
#
_symmetry.space_group_name_H-M   'P 21 21 2'
#
loop_
_entity.id
_entity.type
_entity.pdbx_description
1 polymer 'Cyclin-dependent kinase 6 inhibitor'
2 water water
#
_entity_poly.entity_id   1
_entity_poly.type   'polypeptide(L)'
_entity_poly.pdbx_seq_one_letter_code
;MAEPWGNELASAAARGDLEQLTSLLQNNVNVNAQNGFGRTALQVMKLGNPEIARRLLLRGANPDLKDRTGFAVIHDAARA
GFLDTLQTLLENQADVNIEDNEGNLPLHLAAKEGHLRVVEFLVKHTASNVGHRNHKGDTACDLARLYGRNEVVSLMQANG
AGGATNLQ
;
_entity_poly.pdbx_strand_id   A,B
#
# COMPACT_ATOMS: atom_id res chain seq x y z
N TRP A 5 6.98 -14.54 15.68
CA TRP A 5 6.31 -13.56 14.79
C TRP A 5 5.81 -12.36 15.56
N GLY A 6 4.90 -12.62 16.49
CA GLY A 6 4.35 -11.54 17.31
C GLY A 6 5.47 -10.69 17.89
N ASN A 7 6.43 -11.33 18.54
CA ASN A 7 7.56 -10.63 19.15
C ASN A 7 8.42 -9.90 18.12
N GLU A 8 8.88 -10.61 17.11
CA GLU A 8 9.70 -9.99 16.07
C GLU A 8 8.97 -8.90 15.29
N LEU A 9 7.67 -9.10 15.06
CA LEU A 9 6.90 -8.11 14.34
C LEU A 9 6.87 -6.84 15.18
N ALA A 10 6.63 -7.00 16.48
CA ALA A 10 6.58 -5.87 17.39
C ALA A 10 7.93 -5.18 17.46
N SER A 11 8.99 -5.98 17.49
CA SER A 11 10.33 -5.45 17.55
C SER A 11 10.67 -4.62 16.31
N ALA A 12 10.31 -5.12 15.14
CA ALA A 12 10.57 -4.39 13.89
C ALA A 12 9.80 -3.08 13.86
N ALA A 13 8.56 -3.10 14.36
CA ALA A 13 7.74 -1.88 14.39
C ALA A 13 8.29 -0.87 15.40
N ALA A 14 8.68 -1.36 16.57
CA ALA A 14 9.21 -0.50 17.62
C ALA A 14 10.45 0.25 17.15
N ARG A 15 11.29 -0.43 16.38
CA ARG A 15 12.53 0.17 15.88
C ARG A 15 12.34 1.01 14.61
N GLY A 16 11.17 0.92 14.00
CA GLY A 16 10.94 1.68 12.79
C GLY A 16 11.65 1.06 11.58
N ASP A 17 11.80 -0.27 11.61
CA ASP A 17 12.45 -0.98 10.50
C ASP A 17 11.39 -1.56 9.56
N LEU A 18 10.93 -0.75 8.60
CA LEU A 18 9.93 -1.17 7.64
C LEU A 18 10.35 -2.42 6.86
N GLU A 19 11.60 -2.42 6.39
CA GLU A 19 12.12 -3.55 5.63
C GLU A 19 11.93 -4.87 6.39
N GLN A 20 12.34 -4.88 7.64
CA GLN A 20 12.22 -6.06 8.49
C GLN A 20 10.75 -6.39 8.74
N LEU A 21 9.93 -5.36 8.92
CA LEU A 21 8.51 -5.57 9.17
C LEU A 21 7.89 -6.27 7.96
N THR A 22 8.08 -5.70 6.78
CA THR A 22 7.52 -6.30 5.57
C THR A 22 8.08 -7.70 5.36
N SER A 23 9.30 -7.95 5.82
CA SER A 23 9.86 -9.29 5.67
C SER A 23 9.04 -10.26 6.50
N LEU A 24 8.79 -9.89 7.76
CA LEU A 24 8.01 -10.71 8.67
C LEU A 24 6.59 -10.93 8.19
N LEU A 25 5.97 -9.88 7.63
CA LEU A 25 4.60 -9.99 7.16
C LEU A 25 4.40 -11.05 6.08
N GLN A 26 5.50 -11.53 5.49
CA GLN A 26 5.39 -12.56 4.46
C GLN A 26 5.00 -13.87 5.14
N ASN A 27 5.19 -13.93 6.45
CA ASN A 27 4.83 -15.12 7.22
C ASN A 27 3.34 -15.05 7.59
N ASN A 28 2.80 -16.17 8.05
CA ASN A 28 1.40 -16.21 8.47
C ASN A 28 1.37 -15.73 9.94
N VAL A 29 1.30 -14.42 10.12
CA VAL A 29 1.33 -13.84 11.45
C VAL A 29 0.03 -13.17 11.87
N ASN A 30 -0.16 -13.07 13.18
CA ASN A 30 -1.32 -12.40 13.75
C ASN A 30 -0.78 -11.03 14.16
N VAL A 31 -1.05 -10.02 13.32
CA VAL A 31 -0.58 -8.67 13.59
C VAL A 31 -1.07 -8.12 14.91
N ASN A 32 -2.10 -8.76 15.47
CA ASN A 32 -2.62 -8.31 16.75
C ASN A 32 -2.10 -9.16 17.92
N ALA A 33 -1.01 -9.87 17.68
CA ALA A 33 -0.40 -10.68 18.73
C ALA A 33 0.26 -9.71 19.69
N GLN A 34 0.29 -10.06 20.97
CA GLN A 34 0.89 -9.20 21.98
C GLN A 34 2.33 -9.63 22.21
N ASN A 35 3.23 -8.68 22.41
CA ASN A 35 4.63 -9.03 22.65
C ASN A 35 4.78 -9.47 24.09
N GLY A 36 6.02 -9.52 24.58
CA GLY A 36 6.25 -9.95 25.94
C GLY A 36 5.65 -9.07 27.04
N PHE A 37 5.29 -7.84 26.70
CA PHE A 37 4.76 -6.90 27.68
C PHE A 37 3.29 -6.54 27.44
N GLY A 38 2.62 -7.32 26.60
CA GLY A 38 1.20 -7.09 26.35
C GLY A 38 0.81 -6.00 25.37
N ARG A 39 1.74 -5.57 24.52
CA ARG A 39 1.44 -4.55 23.53
C ARG A 39 1.60 -5.16 22.13
N THR A 40 0.81 -4.68 21.17
CA THR A 40 0.89 -5.19 19.81
C THR A 40 1.92 -4.40 19.00
N ALA A 41 2.25 -4.88 17.81
CA ALA A 41 3.22 -4.19 16.96
C ALA A 41 2.80 -2.74 16.71
N LEU A 42 1.51 -2.54 16.44
CA LEU A 42 0.99 -1.20 16.16
C LEU A 42 1.12 -0.27 17.37
N GLN A 43 0.92 -0.83 18.56
CA GLN A 43 0.99 -0.06 19.79
C GLN A 43 2.41 0.39 20.13
N VAL A 44 3.38 -0.46 19.85
CA VAL A 44 4.78 -0.17 20.15
C VAL A 44 5.52 0.50 19.00
N MET A 45 4.89 0.52 17.83
CA MET A 45 5.49 1.14 16.66
C MET A 45 6.13 2.51 16.94
N LYS A 46 7.29 2.76 16.34
CA LYS A 46 7.98 4.04 16.49
C LYS A 46 7.24 5.04 15.59
N LEU A 47 6.69 6.09 16.18
CA LEU A 47 5.96 7.08 15.41
C LEU A 47 6.88 7.77 14.40
N GLY A 48 6.28 8.24 13.31
CA GLY A 48 7.06 8.89 12.26
C GLY A 48 7.28 7.90 11.12
N ASN A 49 6.57 6.77 11.18
CA ASN A 49 6.65 5.72 10.17
C ASN A 49 5.24 5.32 9.77
N PRO A 50 4.53 6.20 9.06
CA PRO A 50 3.16 5.92 8.64
C PRO A 50 2.99 4.69 7.76
N GLU A 51 4.04 4.30 7.03
CA GLU A 51 3.94 3.12 6.17
C GLU A 51 3.87 1.87 7.04
N ILE A 52 4.61 1.87 8.15
CA ILE A 52 4.59 0.74 9.06
C ILE A 52 3.17 0.60 9.62
N ALA A 53 2.56 1.72 9.99
CA ALA A 53 1.21 1.71 10.51
C ALA A 53 0.26 1.21 9.42
N ARG A 54 0.46 1.71 8.20
CA ARG A 54 -0.40 1.32 7.10
C ARG A 54 -0.33 -0.20 6.85
N ARG A 55 0.89 -0.74 6.80
CA ARG A 55 1.04 -2.16 6.52
C ARG A 55 0.40 -3.00 7.61
N LEU A 56 0.55 -2.56 8.86
CA LEU A 56 -0.03 -3.29 9.98
C LEU A 56 -1.55 -3.23 9.93
N LEU A 57 -2.09 -2.06 9.61
CA LEU A 57 -3.54 -1.87 9.54
C LEU A 57 -4.13 -2.66 8.36
N LEU A 58 -3.42 -2.67 7.25
CA LEU A 58 -3.87 -3.41 6.07
C LEU A 58 -4.04 -4.88 6.42
N ARG A 59 -3.17 -5.38 7.30
CA ARG A 59 -3.23 -6.77 7.71
C ARG A 59 -4.24 -7.05 8.80
N GLY A 60 -5.00 -6.02 9.20
CA GLY A 60 -6.02 -6.22 10.22
C GLY A 60 -5.69 -5.82 11.64
N ALA A 61 -4.69 -4.96 11.84
CA ALA A 61 -4.33 -4.52 13.19
C ALA A 61 -5.45 -3.67 13.79
N ASN A 62 -5.82 -3.98 15.02
CA ASN A 62 -6.88 -3.23 15.70
C ASN A 62 -6.25 -1.93 16.21
N PRO A 63 -6.71 -0.79 15.68
CA PRO A 63 -6.19 0.52 16.07
C PRO A 63 -6.69 1.07 17.40
N ASP A 64 -7.81 0.55 17.90
CA ASP A 64 -8.39 1.04 19.16
C ASP A 64 -7.89 0.45 20.48
N LEU A 65 -6.89 -0.43 20.43
CA LEU A 65 -6.36 -1.03 21.65
C LEU A 65 -5.71 0.00 22.57
N LYS A 66 -5.90 -0.18 23.88
CA LYS A 66 -5.32 0.73 24.87
C LYS A 66 -4.25 0.02 25.71
N ASP A 67 -3.20 0.76 26.06
CA ASP A 67 -2.12 0.22 26.88
C ASP A 67 -2.41 0.32 28.39
N ARG A 68 -1.38 0.07 29.20
CA ARG A 68 -1.49 0.13 30.65
C ARG A 68 -2.26 1.36 31.11
N THR A 69 -2.12 2.47 30.39
CA THR A 69 -2.78 3.73 30.73
C THR A 69 -4.03 4.15 29.91
N GLY A 70 -4.66 3.19 29.23
CA GLY A 70 -5.84 3.55 28.45
C GLY A 70 -5.52 4.48 27.27
N PHE A 71 -4.28 4.49 26.77
CA PHE A 71 -3.91 5.34 25.63
C PHE A 71 -3.88 4.48 24.38
N ALA A 72 -4.53 4.96 23.32
CA ALA A 72 -4.53 4.24 22.06
C ALA A 72 -3.42 4.90 21.25
N VAL A 73 -2.96 4.24 20.19
CA VAL A 73 -1.91 4.80 19.37
C VAL A 73 -2.29 6.17 18.84
N ILE A 74 -3.56 6.38 18.50
CA ILE A 74 -3.95 7.69 18.00
C ILE A 74 -3.70 8.74 19.09
N HIS A 75 -3.82 8.35 20.36
CA HIS A 75 -3.56 9.27 21.46
C HIS A 75 -2.08 9.66 21.39
N ASP A 76 -1.21 8.66 21.31
CA ASP A 76 0.23 8.93 21.21
C ASP A 76 0.57 9.81 19.99
N ALA A 77 -0.02 9.50 18.84
CA ALA A 77 0.23 10.27 17.62
C ALA A 77 -0.16 11.72 17.82
N ALA A 78 -1.36 11.94 18.34
CA ALA A 78 -1.88 13.29 18.56
C ALA A 78 -1.02 14.08 19.54
N ARG A 79 -0.64 13.44 20.64
CA ARG A 79 0.16 14.09 21.66
C ARG A 79 1.53 14.52 21.19
N ALA A 80 2.14 13.70 20.33
CA ALA A 80 3.48 13.98 19.83
C ALA A 80 3.51 14.76 18.51
N GLY A 81 2.34 15.03 17.93
CA GLY A 81 2.28 15.78 16.67
C GLY A 81 2.62 15.01 15.39
N PHE A 82 2.24 13.74 15.31
CA PHE A 82 2.52 12.93 14.12
C PHE A 82 1.28 12.78 13.27
N LEU A 83 0.97 13.84 12.52
CA LEU A 83 -0.19 13.91 11.63
C LEU A 83 -0.35 12.75 10.64
N ASP A 84 0.73 12.37 9.98
CA ASP A 84 0.67 11.29 9.00
C ASP A 84 0.15 9.99 9.56
N THR A 85 0.74 9.53 10.67
CA THR A 85 0.27 8.30 11.29
C THR A 85 -1.15 8.45 11.80
N LEU A 86 -1.49 9.64 12.30
CA LEU A 86 -2.83 9.88 12.82
C LEU A 86 -3.83 9.70 11.69
N GLN A 87 -3.54 10.31 10.54
CA GLN A 87 -4.42 10.20 9.39
C GLN A 87 -4.54 8.76 8.88
N THR A 88 -3.43 8.03 8.74
CA THR A 88 -3.56 6.66 8.25
C THR A 88 -4.34 5.82 9.24
N LEU A 89 -4.26 6.18 10.52
CA LEU A 89 -5.00 5.49 11.57
C LEU A 89 -6.49 5.66 11.28
N LEU A 90 -6.88 6.90 10.99
CA LEU A 90 -8.27 7.22 10.71
C LEU A 90 -8.80 6.66 9.38
N GLU A 91 -7.96 6.65 8.36
CA GLU A 91 -8.42 6.12 7.08
C GLU A 91 -8.61 4.62 7.20
N ASN A 92 -8.29 4.07 8.37
CA ASN A 92 -8.45 2.64 8.62
C ASN A 92 -9.39 2.39 9.79
N GLN A 93 -10.34 3.31 9.95
CA GLN A 93 -11.40 3.26 10.96
C GLN A 93 -11.06 3.36 12.44
N ALA A 94 -9.92 3.95 12.76
CA ALA A 94 -9.58 4.12 14.16
C ALA A 94 -10.61 5.12 14.68
N ASP A 95 -11.00 4.98 15.93
CA ASP A 95 -11.97 5.86 16.57
C ASP A 95 -11.31 7.19 16.98
N VAL A 96 -11.74 8.32 16.39
CA VAL A 96 -11.16 9.63 16.73
C VAL A 96 -11.53 10.08 18.12
N ASN A 97 -12.70 9.66 18.59
CA ASN A 97 -13.17 10.09 19.89
C ASN A 97 -12.90 9.11 21.02
N ILE A 98 -11.83 8.33 20.87
CA ILE A 98 -11.45 7.37 21.89
C ILE A 98 -10.89 8.21 23.06
N GLU A 99 -11.22 7.82 24.28
CA GLU A 99 -10.76 8.57 25.46
C GLU A 99 -9.70 7.84 26.25
N ASP A 100 -8.84 8.61 26.93
CA ASP A 100 -7.82 8.00 27.77
C ASP A 100 -8.48 7.84 29.14
N ASN A 101 -7.72 7.50 30.17
CA ASN A 101 -8.32 7.29 31.49
C ASN A 101 -8.88 8.56 32.12
N GLU A 102 -8.51 9.73 31.60
CA GLU A 102 -9.00 10.98 32.16
C GLU A 102 -10.07 11.65 31.31
N GLY A 103 -10.57 10.92 30.31
CA GLY A 103 -11.59 11.47 29.44
C GLY A 103 -11.08 12.36 28.33
N ASN A 104 -9.77 12.38 28.10
CA ASN A 104 -9.20 13.20 27.06
C ASN A 104 -9.26 12.49 25.70
N LEU A 105 -9.57 13.26 24.66
CA LEU A 105 -9.61 12.74 23.30
C LEU A 105 -8.27 13.07 22.66
N PRO A 106 -8.01 12.52 21.47
CA PRO A 106 -6.72 12.82 20.82
C PRO A 106 -6.66 14.34 20.63
N LEU A 107 -7.81 14.96 20.34
CA LEU A 107 -7.86 16.42 20.16
C LEU A 107 -7.33 17.14 21.41
N HIS A 108 -7.73 16.66 22.59
CA HIS A 108 -7.26 17.29 23.83
C HIS A 108 -5.74 17.30 23.90
N LEU A 109 -5.15 16.13 23.63
CA LEU A 109 -3.72 15.99 23.72
C LEU A 109 -2.99 16.83 22.68
N ALA A 110 -3.53 16.88 21.47
CA ALA A 110 -2.91 17.67 20.41
C ALA A 110 -2.96 19.13 20.82
N ALA A 111 -4.13 19.57 21.27
CA ALA A 111 -4.32 20.96 21.69
C ALA A 111 -3.36 21.34 22.83
N LYS A 112 -3.28 20.48 23.83
CA LYS A 112 -2.45 20.70 25.01
C LYS A 112 -0.99 20.91 24.66
N GLU A 113 -0.50 20.14 23.69
CA GLU A 113 0.90 20.19 23.27
C GLU A 113 1.17 21.20 22.16
N GLY A 114 0.13 21.92 21.75
CA GLY A 114 0.31 22.94 20.73
C GLY A 114 0.58 22.49 19.30
N HIS A 115 0.04 21.34 18.89
CA HIS A 115 0.24 20.84 17.53
C HIS A 115 -0.88 21.33 16.62
N LEU A 116 -0.74 22.60 16.24
CA LEU A 116 -1.70 23.31 15.41
C LEU A 116 -2.22 22.59 14.18
N ARG A 117 -1.33 21.96 13.42
CA ARG A 117 -1.76 21.26 12.22
C ARG A 117 -2.58 20.01 12.51
N VAL A 118 -2.26 19.33 13.61
CA VAL A 118 -3.00 18.15 13.99
C VAL A 118 -4.40 18.59 14.43
N VAL A 119 -4.45 19.63 15.26
CA VAL A 119 -5.72 20.16 15.74
C VAL A 119 -6.60 20.60 14.58
N GLU A 120 -5.99 21.33 13.65
CA GLU A 120 -6.71 21.82 12.49
C GLU A 120 -7.32 20.68 11.69
N PHE A 121 -6.56 19.62 11.48
CA PHE A 121 -7.06 18.48 10.73
C PHE A 121 -8.22 17.82 11.46
N LEU A 122 -8.07 17.66 12.78
CA LEU A 122 -9.08 17.03 13.60
C LEU A 122 -10.38 17.83 13.60
N VAL A 123 -10.27 19.12 13.90
CA VAL A 123 -11.44 20.00 13.95
C VAL A 123 -12.13 20.13 12.60
N LYS A 124 -11.33 20.22 11.54
CA LYS A 124 -11.89 20.41 10.21
C LYS A 124 -12.22 19.17 9.37
N HIS A 125 -11.53 18.06 9.57
CA HIS A 125 -11.82 16.89 8.75
C HIS A 125 -12.12 15.56 9.46
N THR A 126 -12.47 15.62 10.74
CA THR A 126 -12.78 14.37 11.47
C THR A 126 -14.03 14.57 12.30
N ALA A 127 -14.52 13.50 12.91
CA ALA A 127 -15.72 13.58 13.73
C ALA A 127 -15.42 13.97 15.16
N SER A 128 -14.19 14.40 15.42
CA SER A 128 -13.78 14.81 16.76
C SER A 128 -14.83 15.69 17.42
N ASN A 129 -15.22 15.34 18.65
CA ASN A 129 -16.20 16.11 19.40
C ASN A 129 -15.50 17.28 20.08
N VAL A 130 -15.47 18.42 19.39
CA VAL A 130 -14.83 19.63 19.91
C VAL A 130 -15.33 20.07 21.28
N GLY A 131 -16.58 19.76 21.60
CA GLY A 131 -17.14 20.16 22.87
C GLY A 131 -17.00 19.15 24.01
N HIS A 132 -16.30 18.05 23.74
CA HIS A 132 -16.11 17.02 24.74
C HIS A 132 -15.30 17.49 25.96
N ARG A 133 -15.91 17.40 27.12
CA ARG A 133 -15.25 17.78 28.37
C ARG A 133 -14.59 16.53 28.92
N ASN A 134 -13.36 16.63 29.42
CA ASN A 134 -12.75 15.44 30.03
C ASN A 134 -13.37 15.30 31.43
N HIS A 135 -12.90 14.34 32.20
CA HIS A 135 -13.46 14.12 33.53
C HIS A 135 -13.39 15.33 34.47
N LYS A 136 -12.42 16.20 34.26
CA LYS A 136 -12.28 17.36 35.13
C LYS A 136 -13.00 18.59 34.57
N GLY A 137 -13.79 18.36 33.52
CA GLY A 137 -14.57 19.43 32.91
C GLY A 137 -13.90 20.30 31.86
N ASP A 138 -12.73 19.91 31.38
CA ASP A 138 -12.02 20.71 30.38
C ASP A 138 -12.13 20.23 28.93
N THR A 139 -12.42 21.16 28.03
CA THR A 139 -12.49 20.82 26.61
C THR A 139 -11.07 20.91 26.06
N ALA A 140 -10.87 20.50 24.82
CA ALA A 140 -9.56 20.56 24.21
C ALA A 140 -9.07 22.01 24.17
N CYS A 141 -9.99 22.92 23.84
CA CYS A 141 -9.66 24.34 23.77
C CYS A 141 -9.27 24.87 25.14
N ASP A 142 -9.99 24.45 26.19
CA ASP A 142 -9.66 24.89 27.55
C ASP A 142 -8.21 24.53 27.86
N LEU A 143 -7.82 23.30 27.55
CA LEU A 143 -6.46 22.84 27.80
C LEU A 143 -5.43 23.62 26.98
N ALA A 144 -5.82 23.99 25.77
CA ALA A 144 -4.91 24.77 24.95
C ALA A 144 -4.71 26.13 25.63
N ARG A 145 -5.81 26.69 26.13
CA ARG A 145 -5.75 27.98 26.80
C ARG A 145 -4.91 27.83 28.06
N LEU A 146 -5.15 26.77 28.83
CA LEU A 146 -4.39 26.55 30.06
C LEU A 146 -2.89 26.42 29.79
N TYR A 147 -2.53 25.75 28.70
CA TYR A 147 -1.11 25.58 28.38
C TYR A 147 -0.49 26.65 27.49
N GLY A 148 -1.17 27.79 27.37
CA GLY A 148 -0.65 28.90 26.58
C GLY A 148 -0.50 28.68 25.08
N ARG A 149 -1.32 27.79 24.52
CA ARG A 149 -1.25 27.51 23.10
C ARG A 149 -2.14 28.49 22.35
N ASN A 150 -1.73 29.75 22.40
CA ASN A 150 -2.44 30.86 21.78
C ASN A 150 -2.96 30.62 20.37
N GLU A 151 -2.07 30.16 19.48
CA GLU A 151 -2.47 29.91 18.10
C GLU A 151 -3.51 28.80 18.01
N VAL A 152 -3.37 27.78 18.84
CA VAL A 152 -4.35 26.69 18.82
C VAL A 152 -5.72 27.23 19.27
N VAL A 153 -5.72 28.04 20.33
CA VAL A 153 -6.96 28.60 20.83
C VAL A 153 -7.64 29.44 19.78
N SER A 154 -6.89 30.33 19.13
CA SER A 154 -7.47 31.20 18.11
C SER A 154 -8.02 30.36 16.95
N LEU A 155 -7.28 29.33 16.55
CA LEU A 155 -7.75 28.46 15.48
C LEU A 155 -9.01 27.72 15.89
N MET A 156 -9.08 27.23 17.12
CA MET A 156 -10.26 26.50 17.58
C MET A 156 -11.53 27.35 17.68
N GLN A 157 -11.42 28.55 18.25
CA GLN A 157 -12.60 29.40 18.33
C GLN A 157 -13.00 29.93 16.96
N ALA A 158 -12.06 29.89 16.01
CA ALA A 158 -12.30 30.38 14.66
C ALA A 158 -13.19 29.42 13.88
N ASN A 159 -13.22 28.16 14.30
CA ASN A 159 -14.05 27.15 13.63
C ASN A 159 -14.56 26.10 14.62
N GLY A 160 -15.28 26.56 15.63
CA GLY A 160 -15.83 25.66 16.64
C GLY A 160 -15.84 26.29 18.01
N ASN B 7 5.67 10.84 -30.54
CA ASN B 7 4.26 10.46 -30.86
C ASN B 7 4.17 9.38 -31.94
N GLU B 8 5.12 9.37 -32.87
CA GLU B 8 5.08 8.38 -33.93
C GLU B 8 5.21 6.95 -33.42
N LEU B 9 6.20 6.71 -32.58
CA LEU B 9 6.42 5.37 -32.02
C LEU B 9 5.30 5.01 -31.05
N ALA B 10 4.92 5.97 -30.20
CA ALA B 10 3.85 5.72 -29.23
C ALA B 10 2.54 5.32 -29.90
N SER B 11 2.03 6.17 -30.78
CA SER B 11 0.77 5.88 -31.49
C SER B 11 0.84 4.57 -32.27
N ALA B 12 2.00 4.29 -32.85
CA ALA B 12 2.18 3.07 -33.62
C ALA B 12 1.98 1.87 -32.68
N ALA B 13 2.60 1.93 -31.51
CA ALA B 13 2.47 0.86 -30.53
C ALA B 13 1.04 0.80 -30.03
N ALA B 14 0.46 1.96 -29.78
CA ALA B 14 -0.92 2.05 -29.29
C ALA B 14 -1.94 1.41 -30.21
N ARG B 15 -1.79 1.58 -31.52
CA ARG B 15 -2.76 0.98 -32.44
C ARG B 15 -2.30 -0.33 -33.08
N GLY B 16 -1.18 -0.86 -32.60
CA GLY B 16 -0.66 -2.11 -33.11
C GLY B 16 -0.07 -2.09 -34.52
N ASP B 17 0.46 -0.95 -34.95
CA ASP B 17 1.07 -0.84 -36.27
C ASP B 17 2.52 -1.32 -36.20
N LEU B 18 2.69 -2.64 -36.25
CA LEU B 18 4.00 -3.26 -36.17
C LEU B 18 4.96 -2.76 -37.24
N GLU B 19 4.48 -2.59 -38.47
CA GLU B 19 5.35 -2.13 -39.55
C GLU B 19 5.91 -0.72 -39.34
N GLN B 20 5.03 0.24 -39.03
CA GLN B 20 5.48 1.60 -38.80
C GLN B 20 6.42 1.61 -37.60
N LEU B 21 6.05 0.91 -36.54
CA LEU B 21 6.87 0.83 -35.34
C LEU B 21 8.28 0.33 -35.65
N THR B 22 8.37 -0.75 -36.43
CA THR B 22 9.67 -1.32 -36.75
C THR B 22 10.51 -0.41 -37.65
N SER B 23 9.86 0.30 -38.58
CA SER B 23 10.60 1.23 -39.44
C SER B 23 11.17 2.30 -38.52
N LEU B 24 10.34 2.81 -37.62
CA LEU B 24 10.78 3.81 -36.65
C LEU B 24 12.01 3.30 -35.87
N LEU B 25 11.93 2.06 -35.39
CA LEU B 25 13.02 1.47 -34.62
C LEU B 25 14.33 1.37 -35.43
N GLN B 26 14.21 1.04 -36.71
CA GLN B 26 15.39 0.94 -37.54
C GLN B 26 16.15 2.25 -37.63
N ASN B 27 15.47 3.37 -37.39
CA ASN B 27 16.13 4.68 -37.45
C ASN B 27 16.63 5.18 -36.11
N ASN B 28 16.70 4.28 -35.13
CA ASN B 28 17.18 4.61 -33.80
C ASN B 28 16.38 5.69 -33.09
N VAL B 29 15.06 5.62 -33.21
CA VAL B 29 14.17 6.56 -32.55
C VAL B 29 14.31 6.34 -31.03
N ASN B 30 13.99 7.37 -30.24
CA ASN B 30 14.10 7.25 -28.78
C ASN B 30 12.99 6.35 -28.27
N VAL B 31 13.35 5.09 -28.02
CA VAL B 31 12.41 4.09 -27.54
C VAL B 31 11.76 4.43 -26.19
N ASN B 32 12.49 5.13 -25.32
CA ASN B 32 11.92 5.45 -24.01
C ASN B 32 11.34 6.86 -23.87
N ALA B 33 11.04 7.50 -24.99
CA ALA B 33 10.48 8.84 -24.96
C ALA B 33 9.08 8.76 -24.34
N GLN B 34 8.73 9.76 -23.53
CA GLN B 34 7.41 9.77 -22.91
C GLN B 34 6.58 10.81 -23.64
N ASN B 35 5.33 10.50 -23.95
CA ASN B 35 4.48 11.44 -24.65
C ASN B 35 3.86 12.50 -23.72
N GLY B 36 2.93 13.26 -24.26
CA GLY B 36 2.30 14.32 -23.51
C GLY B 36 1.67 13.89 -22.19
N PHE B 37 1.29 12.61 -22.08
CA PHE B 37 0.69 12.10 -20.86
C PHE B 37 1.73 11.38 -19.99
N GLY B 38 2.99 11.49 -20.37
CA GLY B 38 4.05 10.86 -19.61
C GLY B 38 4.15 9.35 -19.80
N ARG B 39 3.64 8.85 -20.93
CA ARG B 39 3.67 7.41 -21.20
C ARG B 39 4.58 7.04 -22.38
N THR B 40 5.26 5.90 -22.24
CA THR B 40 6.19 5.44 -23.27
C THR B 40 5.42 4.59 -24.25
N ALA B 41 6.07 4.18 -25.34
CA ALA B 41 5.40 3.35 -26.34
C ALA B 41 4.96 1.99 -25.77
N LEU B 42 5.80 1.41 -24.91
CA LEU B 42 5.50 0.10 -24.33
C LEU B 42 4.30 0.18 -23.40
N GLN B 43 4.14 1.32 -22.74
CA GLN B 43 3.04 1.52 -21.80
C GLN B 43 1.69 1.72 -22.52
N VAL B 44 1.72 2.39 -23.66
CA VAL B 44 0.48 2.62 -24.40
C VAL B 44 0.18 1.51 -25.40
N MET B 45 1.14 0.62 -25.60
CA MET B 45 1.00 -0.49 -26.53
C MET B 45 -0.29 -1.26 -26.25
N LYS B 46 -0.99 -1.63 -27.31
CA LYS B 46 -2.23 -2.40 -27.18
C LYS B 46 -1.80 -3.85 -26.94
N LEU B 47 -2.30 -4.46 -25.87
CA LEU B 47 -1.94 -5.85 -25.59
C LEU B 47 -2.43 -6.76 -26.70
N GLY B 48 -1.78 -7.92 -26.85
CA GLY B 48 -2.14 -8.86 -27.91
C GLY B 48 -1.22 -8.66 -29.10
N ASN B 49 -0.18 -7.85 -28.90
CA ASN B 49 0.82 -7.58 -29.94
C ASN B 49 2.21 -7.89 -29.40
N PRO B 50 2.47 -9.17 -29.04
CA PRO B 50 3.78 -9.56 -28.51
C PRO B 50 4.98 -9.09 -29.34
N GLU B 51 4.85 -9.03 -30.66
CA GLU B 51 5.95 -8.57 -31.51
C GLU B 51 6.32 -7.11 -31.26
N ILE B 52 5.33 -6.27 -30.99
CA ILE B 52 5.61 -4.87 -30.72
C ILE B 52 6.39 -4.78 -29.40
N ALA B 53 5.92 -5.50 -28.38
CA ALA B 53 6.57 -5.53 -27.09
C ALA B 53 8.00 -6.02 -27.20
N ARG B 54 8.16 -7.15 -27.90
CA ARG B 54 9.47 -7.77 -28.12
C ARG B 54 10.47 -6.82 -28.77
N ARG B 55 10.07 -6.18 -29.87
CA ARG B 55 10.97 -5.28 -30.57
C ARG B 55 11.33 -4.03 -29.77
N LEU B 56 10.38 -3.51 -28.99
CA LEU B 56 10.64 -2.33 -28.17
C LEU B 56 11.64 -2.71 -27.08
N LEU B 57 11.46 -3.88 -26.48
CA LEU B 57 12.37 -4.35 -25.44
C LEU B 57 13.77 -4.59 -26.01
N LEU B 58 13.81 -5.23 -27.17
CA LEU B 58 15.05 -5.52 -27.85
C LEU B 58 15.84 -4.24 -28.08
N ARG B 59 15.12 -3.18 -28.44
CA ARG B 59 15.77 -1.93 -28.72
C ARG B 59 15.98 -0.97 -27.54
N GLY B 60 15.85 -1.50 -26.32
CA GLY B 60 16.09 -0.68 -25.14
C GLY B 60 14.95 -0.17 -24.27
N ALA B 61 13.74 -0.66 -24.49
CA ALA B 61 12.60 -0.22 -23.67
C ALA B 61 12.71 -0.74 -22.22
N ASN B 62 12.40 0.13 -21.25
CA ASN B 62 12.44 -0.26 -19.85
C ASN B 62 11.17 -1.05 -19.53
N PRO B 63 11.32 -2.35 -19.24
CA PRO B 63 10.18 -3.22 -18.92
C PRO B 63 9.48 -2.95 -17.60
N ASP B 64 10.27 -2.57 -16.60
CA ASP B 64 9.73 -2.37 -15.26
C ASP B 64 9.07 -1.04 -14.91
N LEU B 65 8.86 -0.15 -15.88
CA LEU B 65 8.25 1.14 -15.58
C LEU B 65 6.83 0.99 -15.07
N LYS B 66 6.47 1.75 -14.06
CA LYS B 66 5.11 1.70 -13.51
C LYS B 66 4.30 2.93 -13.93
N ASP B 67 3.02 2.74 -14.23
CA ASP B 67 2.18 3.88 -14.61
C ASP B 67 1.75 4.60 -13.33
N ARG B 68 0.94 5.64 -13.47
CA ARG B 68 0.52 6.39 -12.29
C ARG B 68 -0.44 5.60 -11.41
N THR B 69 -0.91 4.46 -11.89
CA THR B 69 -1.82 3.63 -11.10
C THR B 69 -1.00 2.60 -10.34
N GLY B 70 0.31 2.60 -10.59
CA GLY B 70 1.19 1.66 -9.92
C GLY B 70 1.44 0.34 -10.61
N PHE B 71 0.98 0.21 -11.86
CA PHE B 71 1.15 -1.03 -12.63
C PHE B 71 2.30 -1.00 -13.63
N ALA B 72 2.92 -2.16 -13.84
CA ALA B 72 3.99 -2.29 -14.82
C ALA B 72 3.24 -3.03 -15.92
N VAL B 73 3.75 -3.00 -17.14
CA VAL B 73 3.07 -3.68 -18.22
C VAL B 73 2.85 -5.18 -17.96
N ILE B 74 3.76 -5.84 -17.25
CA ILE B 74 3.58 -7.26 -16.97
C ILE B 74 2.33 -7.44 -16.08
N HIS B 75 2.02 -6.45 -15.25
CA HIS B 75 0.83 -6.51 -14.40
C HIS B 75 -0.41 -6.50 -15.29
N ASP B 76 -0.42 -5.57 -16.26
CA ASP B 76 -1.54 -5.44 -17.19
C ASP B 76 -1.73 -6.72 -18.00
N ALA B 77 -0.62 -7.26 -18.50
CA ALA B 77 -0.66 -8.48 -19.31
C ALA B 77 -1.22 -9.67 -18.53
N ALA B 78 -0.74 -9.86 -17.30
CA ALA B 78 -1.17 -10.98 -16.48
C ALA B 78 -2.64 -10.84 -16.11
N ARG B 79 -3.00 -9.62 -15.79
CA ARG B 79 -4.35 -9.29 -15.37
C ARG B 79 -5.40 -9.51 -16.45
N ALA B 80 -5.03 -9.27 -17.70
CA ALA B 80 -5.96 -9.43 -18.80
C ALA B 80 -5.77 -10.76 -19.54
N GLY B 81 -4.80 -11.55 -19.11
CA GLY B 81 -4.56 -12.84 -19.74
C GLY B 81 -3.75 -12.89 -21.03
N PHE B 82 -2.85 -11.94 -21.24
CA PHE B 82 -2.03 -11.92 -22.45
C PHE B 82 -0.70 -12.63 -22.24
N LEU B 83 -0.73 -13.97 -22.31
CA LEU B 83 0.45 -14.80 -22.11
C LEU B 83 1.68 -14.38 -22.92
N ASP B 84 1.50 -14.30 -24.24
CA ASP B 84 2.59 -13.96 -25.15
C ASP B 84 3.40 -12.76 -24.71
N THR B 85 2.72 -11.65 -24.47
CA THR B 85 3.39 -10.43 -24.03
C THR B 85 4.05 -10.60 -22.67
N LEU B 86 3.44 -11.35 -21.76
CA LEU B 86 4.06 -11.57 -20.45
C LEU B 86 5.35 -12.37 -20.64
N GLN B 87 5.31 -13.37 -21.52
CA GLN B 87 6.49 -14.20 -21.77
C GLN B 87 7.65 -13.39 -22.35
N THR B 88 7.37 -12.57 -23.36
CA THR B 88 8.43 -11.78 -23.98
C THR B 88 9.01 -10.77 -23.00
N LEU B 89 8.16 -10.24 -22.12
CA LEU B 89 8.61 -9.28 -21.11
C LEU B 89 9.70 -9.97 -20.29
N LEU B 90 9.39 -11.16 -19.82
CA LEU B 90 10.31 -11.94 -19.01
C LEU B 90 11.59 -12.34 -19.75
N GLU B 91 11.46 -12.62 -21.03
CA GLU B 91 12.62 -13.00 -21.83
C GLU B 91 13.50 -11.78 -22.05
N ASN B 92 13.02 -10.63 -21.57
CA ASN B 92 13.76 -9.39 -21.69
C ASN B 92 14.04 -8.74 -20.35
N GLN B 93 14.26 -9.59 -19.35
CA GLN B 93 14.59 -9.15 -18.00
C GLN B 93 13.52 -8.43 -17.20
N ALA B 94 12.25 -8.54 -17.58
CA ALA B 94 11.22 -7.90 -16.78
C ALA B 94 11.23 -8.60 -15.43
N ASP B 95 10.93 -7.87 -14.35
CA ASP B 95 10.91 -8.45 -13.02
C ASP B 95 9.57 -9.15 -12.75
N VAL B 96 9.58 -10.49 -12.68
CA VAL B 96 8.34 -11.24 -12.44
C VAL B 96 7.73 -10.95 -11.09
N ASN B 97 8.55 -10.51 -10.15
CA ASN B 97 8.07 -10.26 -8.80
C ASN B 97 7.80 -8.79 -8.50
N ILE B 98 7.54 -8.02 -9.54
CA ILE B 98 7.24 -6.59 -9.36
C ILE B 98 5.86 -6.50 -8.73
N GLU B 99 5.71 -5.64 -7.72
CA GLU B 99 4.43 -5.49 -7.02
C GLU B 99 3.62 -4.26 -7.40
N ASP B 100 2.30 -4.40 -7.40
CA ASP B 100 1.43 -3.27 -7.71
C ASP B 100 1.20 -2.54 -6.38
N ASN B 101 0.37 -1.52 -6.37
CA ASN B 101 0.16 -0.77 -5.13
C ASN B 101 -0.43 -1.54 -3.96
N GLU B 102 -0.98 -2.71 -4.21
CA GLU B 102 -1.56 -3.50 -3.14
C GLU B 102 -0.68 -4.70 -2.80
N GLY B 103 0.52 -4.71 -3.36
CA GLY B 103 1.45 -5.79 -3.09
C GLY B 103 1.21 -7.05 -3.91
N ASN B 104 0.43 -6.94 -4.99
CA ASN B 104 0.17 -8.09 -5.85
C ASN B 104 1.23 -8.29 -6.92
N LEU B 105 1.58 -9.55 -7.17
CA LEU B 105 2.54 -9.91 -8.20
C LEU B 105 1.71 -10.19 -9.45
N PRO B 106 2.37 -10.32 -10.61
CA PRO B 106 1.56 -10.61 -11.79
C PRO B 106 0.77 -11.91 -11.50
N LEU B 107 1.41 -12.85 -10.80
CA LEU B 107 0.78 -14.12 -10.45
C LEU B 107 -0.54 -13.89 -9.69
N HIS B 108 -0.54 -12.94 -8.77
CA HIS B 108 -1.76 -12.63 -8.01
C HIS B 108 -2.88 -12.17 -8.93
N LEU B 109 -2.55 -11.26 -9.84
CA LEU B 109 -3.54 -10.70 -10.75
C LEU B 109 -4.12 -11.72 -11.72
N ALA B 110 -3.28 -12.61 -12.24
CA ALA B 110 -3.74 -13.65 -13.16
C ALA B 110 -4.59 -14.69 -12.42
N ALA B 111 -4.16 -15.04 -11.21
CA ALA B 111 -4.89 -16.02 -10.41
C ALA B 111 -6.28 -15.49 -10.08
N LYS B 112 -6.31 -14.23 -9.66
CA LYS B 112 -7.57 -13.58 -9.31
C LYS B 112 -8.56 -13.56 -10.47
N GLU B 113 -8.04 -13.36 -11.68
CA GLU B 113 -8.87 -13.28 -12.87
C GLU B 113 -9.10 -14.62 -13.57
N GLY B 114 -8.62 -15.70 -12.97
CA GLY B 114 -8.81 -17.01 -13.58
C GLY B 114 -8.13 -17.25 -14.91
N HIS B 115 -6.98 -16.62 -15.14
CA HIS B 115 -6.26 -16.86 -16.39
C HIS B 115 -5.34 -18.04 -16.13
N LEU B 116 -5.90 -19.22 -16.36
CA LEU B 116 -5.24 -20.49 -16.13
C LEU B 116 -3.89 -20.66 -16.82
N ARG B 117 -3.83 -20.36 -18.11
CA ARG B 117 -2.59 -20.49 -18.86
C ARG B 117 -1.49 -19.54 -18.38
N VAL B 118 -1.87 -18.34 -17.94
CA VAL B 118 -0.86 -17.40 -17.44
C VAL B 118 -0.34 -17.91 -16.10
N VAL B 119 -1.26 -18.34 -15.23
CA VAL B 119 -0.87 -18.85 -13.93
C VAL B 119 0.05 -20.06 -14.10
N GLU B 120 -0.31 -20.94 -15.03
CA GLU B 120 0.47 -22.15 -15.29
C GLU B 120 1.91 -21.81 -15.65
N PHE B 121 2.09 -20.91 -16.61
CA PHE B 121 3.43 -20.52 -17.04
C PHE B 121 4.25 -19.95 -15.87
N LEU B 122 3.64 -19.09 -15.09
CA LEU B 122 4.32 -18.48 -13.96
C LEU B 122 4.77 -19.47 -12.89
N VAL B 123 3.90 -20.40 -12.50
CA VAL B 123 4.27 -21.36 -11.45
C VAL B 123 5.22 -22.46 -11.93
N LYS B 124 5.23 -22.70 -13.23
CA LYS B 124 6.09 -23.75 -13.79
C LYS B 124 7.42 -23.29 -14.38
N HIS B 125 7.42 -22.15 -15.08
CA HIS B 125 8.64 -21.68 -15.72
C HIS B 125 9.20 -20.30 -15.38
N THR B 126 8.85 -19.75 -14.23
CA THR B 126 9.38 -18.45 -13.87
C THR B 126 9.87 -18.41 -12.44
N ALA B 127 10.49 -17.29 -12.07
CA ALA B 127 11.01 -17.12 -10.72
C ALA B 127 9.97 -16.47 -9.82
N SER B 128 8.69 -16.62 -10.15
CA SER B 128 7.61 -16.04 -9.33
C SER B 128 7.67 -16.60 -7.91
N ASN B 129 7.64 -15.72 -6.90
CA ASN B 129 7.63 -16.21 -5.52
C ASN B 129 6.19 -16.65 -5.30
N VAL B 130 5.92 -17.93 -5.49
CA VAL B 130 4.56 -18.43 -5.34
C VAL B 130 3.97 -18.20 -3.94
N GLY B 131 4.84 -18.00 -2.96
CA GLY B 131 4.36 -17.79 -1.60
C GLY B 131 4.21 -16.34 -1.18
N HIS B 132 4.50 -15.41 -2.10
CA HIS B 132 4.41 -13.99 -1.80
C HIS B 132 3.01 -13.54 -1.33
N ARG B 133 2.97 -12.83 -0.21
CA ARG B 133 1.69 -12.32 0.30
C ARG B 133 1.55 -10.85 -0.07
N ASN B 134 0.34 -10.43 -0.44
CA ASN B 134 0.15 -9.02 -0.77
C ASN B 134 -0.09 -8.26 0.53
N HIS B 135 -0.46 -6.98 0.44
CA HIS B 135 -0.66 -6.18 1.64
C HIS B 135 -1.77 -6.69 2.58
N LYS B 136 -2.74 -7.41 2.03
CA LYS B 136 -3.80 -7.93 2.89
C LYS B 136 -3.40 -9.28 3.44
N GLY B 137 -2.23 -9.76 3.01
CA GLY B 137 -1.73 -11.05 3.49
C GLY B 137 -2.04 -12.25 2.61
N ASP B 138 -2.65 -12.03 1.45
CA ASP B 138 -3.00 -13.11 0.56
C ASP B 138 -1.95 -13.53 -0.47
N THR B 139 -1.83 -14.84 -0.67
CA THR B 139 -0.91 -15.41 -1.65
C THR B 139 -1.76 -15.48 -2.90
N ALA B 140 -1.14 -15.78 -4.04
CA ALA B 140 -1.88 -15.87 -5.28
C ALA B 140 -2.98 -16.94 -5.16
N CYS B 141 -2.65 -18.07 -4.54
CA CYS B 141 -3.64 -19.13 -4.40
C CYS B 141 -4.78 -18.66 -3.53
N ASP B 142 -4.46 -17.96 -2.45
CA ASP B 142 -5.51 -17.44 -1.57
C ASP B 142 -6.49 -16.60 -2.40
N LEU B 143 -5.95 -15.75 -3.27
CA LEU B 143 -6.80 -14.88 -4.09
C LEU B 143 -7.68 -15.71 -5.01
N ALA B 144 -7.11 -16.77 -5.56
CA ALA B 144 -7.86 -17.62 -6.47
C ALA B 144 -9.06 -18.22 -5.75
N ARG B 145 -8.87 -18.70 -4.53
CA ARG B 145 -9.98 -19.29 -3.82
C ARG B 145 -10.95 -18.20 -3.38
N LEU B 146 -10.40 -17.04 -3.06
CA LEU B 146 -11.21 -15.92 -2.63
C LEU B 146 -12.22 -15.55 -3.71
N TYR B 147 -11.81 -15.64 -4.97
CA TYR B 147 -12.69 -15.28 -6.08
C TYR B 147 -13.30 -16.48 -6.80
N GLY B 148 -13.29 -17.63 -6.14
CA GLY B 148 -13.86 -18.83 -6.74
C GLY B 148 -13.27 -19.33 -8.04
N ARG B 149 -11.95 -19.24 -8.18
CA ARG B 149 -11.30 -19.73 -9.39
C ARG B 149 -10.74 -21.11 -9.05
N ASN B 150 -11.61 -22.11 -8.90
CA ASN B 150 -11.15 -23.45 -8.53
C ASN B 150 -10.19 -24.16 -9.47
N GLU B 151 -10.28 -23.91 -10.78
CA GLU B 151 -9.35 -24.59 -11.67
C GLU B 151 -7.97 -24.00 -11.39
N VAL B 152 -7.93 -22.71 -11.10
CA VAL B 152 -6.68 -22.04 -10.79
C VAL B 152 -6.11 -22.62 -9.50
N VAL B 153 -6.97 -22.80 -8.49
CA VAL B 153 -6.50 -23.35 -7.23
C VAL B 153 -5.95 -24.77 -7.44
N SER B 154 -6.65 -25.56 -8.26
CA SER B 154 -6.22 -26.94 -8.53
C SER B 154 -4.88 -26.99 -9.23
N LEU B 155 -4.72 -26.17 -10.26
CA LEU B 155 -3.48 -26.11 -11.02
C LEU B 155 -2.34 -25.71 -10.10
N MET B 156 -2.57 -24.70 -9.28
CA MET B 156 -1.53 -24.26 -8.36
C MET B 156 -1.15 -25.35 -7.36
N GLN B 157 -2.15 -26.07 -6.85
CA GLN B 157 -1.86 -27.13 -5.90
C GLN B 157 -1.16 -28.33 -6.54
N ALA B 158 -1.45 -28.60 -7.80
CA ALA B 158 -0.84 -29.72 -8.50
C ALA B 158 0.61 -29.39 -8.89
N ASN B 159 1.00 -28.14 -8.68
CA ASN B 159 2.35 -27.71 -9.02
C ASN B 159 3.16 -27.18 -7.86
N GLY B 160 2.72 -27.50 -6.65
CA GLY B 160 3.42 -27.05 -5.45
C GLY B 160 3.32 -25.58 -5.13
N ALA B 161 2.38 -24.88 -5.76
CA ALA B 161 2.20 -23.45 -5.53
C ALA B 161 0.99 -23.20 -4.62
N GLY B 162 0.54 -24.26 -3.95
CA GLY B 162 -0.61 -24.17 -3.08
C GLY B 162 -0.28 -23.62 -1.70
#